data_6G8Y
#
_entry.id   6G8Y
#
_cell.length_a   53.443
_cell.length_b   53.443
_cell.length_c   50.923
_cell.angle_alpha   90.00
_cell.angle_beta   90.00
_cell.angle_gamma   120.00
#
_symmetry.space_group_name_H-M   'P 31 2 1'
#
loop_
_entity.id
_entity.type
_entity.pdbx_description
1 polymer 'Acetylated cis-Golgi protein, involved in ER-to-Golgi transport'
2 non-polymer 1,2-ETHANEDIOL
3 non-polymer 'CHLORIDE ION'
4 water water
#
_entity_poly.entity_id   1
_entity_poly.type   'polypeptide(L)'
_entity_poly.pdbx_seq_one_letter_code
;DDDDKMLEVLFQGPGLRIVWVDEMQFQLQSFFDYIVGFNDDPVPVVSNQHGFSYPDYRRITSIFNEHCGRTLKVNIWSAK
GGTFRDEYISII
;
_entity_poly.pdbx_strand_id   A
#
# COMPACT_ATOMS: atom_id res chain seq x y z
N ASP A 1 8.30 -15.78 -3.44
CA ASP A 1 7.96 -14.78 -4.50
C ASP A 1 6.76 -13.86 -4.19
N ASP A 2 6.25 -13.87 -2.96
CA ASP A 2 5.21 -12.92 -2.55
C ASP A 2 5.76 -11.47 -2.54
N ASP A 3 7.01 -11.32 -2.07
CA ASP A 3 7.68 -10.01 -2.08
C ASP A 3 7.77 -9.42 -3.50
N ASP A 4 8.30 -10.20 -4.44
CA ASP A 4 8.45 -9.77 -5.84
C ASP A 4 7.12 -9.34 -6.46
N LYS A 5 6.06 -10.12 -6.20
CA LYS A 5 4.71 -9.86 -6.72
C LYS A 5 4.14 -8.53 -6.22
N MET A 6 4.34 -8.23 -4.95
CA MET A 6 3.91 -6.94 -4.39
C MET A 6 4.68 -5.76 -5.00
N LEU A 7 5.98 -5.90 -5.19
CA LEU A 7 6.75 -4.86 -5.86
C LEU A 7 6.40 -4.68 -7.33
N GLU A 8 6.09 -5.76 -8.05
CA GLU A 8 5.66 -5.67 -9.46
C GLU A 8 4.43 -4.76 -9.59
N VAL A 9 3.47 -4.96 -8.70
CA VAL A 9 2.27 -4.12 -8.67
C VAL A 9 2.62 -2.65 -8.36
N LEU A 10 3.44 -2.43 -7.34
CA LEU A 10 3.84 -1.09 -6.94
C LEU A 10 4.50 -0.31 -8.08
N PHE A 11 5.40 -0.97 -8.83
CA PHE A 11 6.25 -0.32 -9.85
C PHE A 11 5.73 -0.38 -11.28
N GLN A 12 4.50 -0.83 -11.48
CA GLN A 12 4.00 -1.14 -12.84
C GLN A 12 3.87 0.05 -13.78
N GLY A 13 3.82 1.25 -13.24
CA GLY A 13 3.71 2.48 -14.05
C GLY A 13 3.16 3.65 -13.24
N PRO A 14 2.91 4.79 -13.89
CA PRO A 14 2.49 6.00 -13.18
C PRO A 14 1.07 5.87 -12.73
N GLY A 15 0.71 6.59 -11.68
CA GLY A 15 -0.51 6.20 -11.02
C GLY A 15 -0.73 6.84 -9.68
N LEU A 16 -1.84 6.42 -9.10
CA LEU A 16 -2.09 6.64 -7.68
C LEU A 16 -1.59 5.46 -6.87
N ARG A 17 -0.93 5.75 -5.75
CA ARG A 17 -0.49 4.72 -4.79
C ARG A 17 -0.93 5.10 -3.38
N ILE A 18 -0.93 4.15 -2.47
CA ILE A 18 -1.24 4.37 -1.07
C ILE A 18 0.07 4.30 -0.31
N VAL A 19 0.25 5.23 0.62
CA VAL A 19 1.46 5.28 1.46
C VAL A 19 1.09 5.29 2.94
N TRP A 20 2.06 4.93 3.80
CA TRP A 20 1.95 5.00 5.26
C TRP A 20 2.74 6.21 5.72
N VAL A 21 2.11 7.13 6.44
CA VAL A 21 2.78 8.36 6.88
C VAL A 21 2.73 8.39 8.38
N ASP A 22 3.86 8.64 9.01
CA ASP A 22 3.84 8.75 10.46
C ASP A 22 3.71 10.23 10.78
N GLU A 23 3.69 10.55 12.05
CA GLU A 23 3.36 11.89 12.49
C GLU A 23 4.45 12.89 12.07
N MET A 24 5.69 12.41 11.88
CA MET A 24 6.85 13.24 11.54
C MET A 24 7.23 13.22 10.04
N GLN A 25 6.67 12.32 9.27
CA GLN A 25 7.04 12.30 7.86
C GLN A 25 6.56 13.57 7.15
N PHE A 26 5.47 14.17 7.65
CA PHE A 26 4.93 15.40 7.12
C PHE A 26 5.89 16.59 7.31
N GLN A 27 6.59 16.60 8.45
CA GLN A 27 7.63 17.59 8.77
C GLN A 27 9.01 17.24 8.19
N LEU A 28 9.28 15.94 8.13
CA LEU A 28 10.59 15.37 7.80
C LEU A 28 10.41 14.33 6.69
N GLN A 29 10.48 14.77 5.44
N GLN A 29 10.54 14.78 5.46
N GLN A 29 10.50 14.77 5.45
CA GLN A 29 10.32 13.86 4.30
CA GLN A 29 10.43 13.95 4.26
CA GLN A 29 10.34 13.87 4.31
C GLN A 29 11.61 13.08 4.02
C GLN A 29 11.67 13.10 4.04
C GLN A 29 11.62 13.08 4.03
N SER A 30 11.91 12.12 4.91
CA SER A 30 13.08 11.20 4.75
C SER A 30 12.76 9.69 4.82
N PHE A 31 11.48 9.32 5.02
CA PHE A 31 11.04 7.91 4.95
C PHE A 31 9.88 7.84 3.96
N PHE A 32 9.93 6.86 3.05
CA PHE A 32 8.92 6.75 1.99
C PHE A 32 8.35 5.33 1.97
N ASP A 33 7.30 5.16 2.76
CA ASP A 33 6.75 3.85 3.08
C ASP A 33 5.52 3.62 2.21
N TYR A 34 5.69 2.81 1.16
CA TYR A 34 4.58 2.49 0.26
C TYR A 34 3.80 1.32 0.84
N ILE A 35 2.47 1.39 0.73
CA ILE A 35 1.65 0.21 0.98
C ILE A 35 1.71 -0.68 -0.24
N VAL A 36 2.22 -1.89 -0.03
CA VAL A 36 2.31 -2.88 -1.10
C VAL A 36 1.31 -4.03 -0.96
N GLY A 37 0.71 -4.18 0.21
CA GLY A 37 -0.28 -5.20 0.40
C GLY A 37 -1.18 -4.91 1.57
N PHE A 38 -2.29 -5.64 1.59
CA PHE A 38 -3.18 -5.70 2.72
C PHE A 38 -3.38 -7.16 3.04
N ASN A 39 -3.19 -7.55 4.31
CA ASN A 39 -3.44 -8.95 4.69
C ASN A 39 -2.66 -9.95 3.83
N ASP A 40 -1.42 -9.59 3.47
CA ASP A 40 -0.46 -10.40 2.70
C ASP A 40 -0.82 -10.68 1.23
N ASP A 41 -1.77 -9.92 0.68
CA ASP A 41 -2.04 -9.93 -0.76
C ASP A 41 -1.69 -8.54 -1.32
N PRO A 42 -1.23 -8.46 -2.57
CA PRO A 42 -0.93 -7.16 -3.13
C PRO A 42 -2.14 -6.23 -3.15
N VAL A 43 -1.86 -4.95 -3.12
CA VAL A 43 -2.92 -3.95 -3.30
C VAL A 43 -3.56 -4.20 -4.69
N PRO A 44 -4.89 -4.30 -4.77
CA PRO A 44 -5.49 -4.49 -6.10
C PRO A 44 -5.53 -3.14 -6.84
N VAL A 45 -5.08 -3.17 -8.08
CA VAL A 45 -4.87 -1.95 -8.87
C VAL A 45 -5.43 -2.15 -10.28
N VAL A 46 -6.06 -1.10 -10.80
CA VAL A 46 -6.67 -1.00 -12.15
C VAL A 46 -5.69 -0.22 -13.02
N SER A 47 -5.33 -0.73 -14.21
CA SER A 47 -4.46 -0.04 -15.17
C SER A 47 -5.34 0.33 -16.34
N ASN A 48 -5.41 1.63 -16.68
CA ASN A 48 -6.32 2.14 -17.69
C ASN A 48 -5.71 2.02 -19.10
N GLN A 49 -6.41 2.58 -20.08
CA GLN A 49 -5.99 2.49 -21.48
C GLN A 49 -4.71 3.26 -21.83
N HIS A 50 -4.32 4.18 -20.95
CA HIS A 50 -3.14 5.01 -21.14
C HIS A 50 -1.93 4.58 -20.31
N GLY A 51 -2.03 3.45 -19.62
CA GLY A 51 -0.94 2.96 -18.80
C GLY A 51 -0.86 3.59 -17.42
N PHE A 52 -1.90 4.32 -17.01
CA PHE A 52 -1.93 4.92 -15.67
CA PHE A 52 -1.93 4.89 -15.68
C PHE A 52 -2.77 3.99 -14.78
N SER A 53 -2.34 3.85 -13.53
CA SER A 53 -3.04 2.98 -12.62
C SER A 53 -3.60 3.68 -11.40
N TYR A 54 -4.64 3.07 -10.84
CA TYR A 54 -5.23 3.54 -9.59
C TYR A 54 -5.82 2.34 -8.84
N PRO A 55 -6.02 2.48 -7.53
CA PRO A 55 -6.55 1.35 -6.79
C PRO A 55 -7.92 0.87 -7.20
N ASP A 56 -8.16 -0.44 -7.04
CA ASP A 56 -9.49 -1.04 -7.14
C ASP A 56 -10.20 -0.76 -5.83
N TYR A 57 -10.81 0.43 -5.74
CA TYR A 57 -11.36 0.88 -4.49
C TYR A 57 -12.53 0.01 -3.98
N ARG A 58 -13.37 -0.53 -4.86
CA ARG A 58 -14.44 -1.42 -4.38
C ARG A 58 -13.83 -2.63 -3.66
N ARG A 59 -12.79 -3.23 -4.25
CA ARG A 59 -12.17 -4.42 -3.64
C ARG A 59 -11.55 -4.03 -2.30
N ILE A 60 -10.89 -2.86 -2.25
CA ILE A 60 -10.27 -2.41 -1.01
C ILE A 60 -11.32 -2.11 0.06
N THR A 61 -12.44 -1.54 -0.33
CA THR A 61 -13.56 -1.33 0.59
C THR A 61 -13.97 -2.65 1.26
N SER A 62 -14.07 -3.72 0.45
CA SER A 62 -14.44 -5.02 0.98
CA SER A 62 -14.44 -5.03 0.97
C SER A 62 -13.39 -5.55 1.94
N ILE A 63 -12.12 -5.40 1.61
CA ILE A 63 -11.06 -5.86 2.48
C ILE A 63 -11.14 -5.15 3.81
N PHE A 64 -11.24 -3.83 3.79
CA PHE A 64 -11.34 -3.04 5.04
C PHE A 64 -12.59 -3.43 5.84
N ASN A 65 -13.70 -3.60 5.15
CA ASN A 65 -14.94 -3.87 5.88
C ASN A 65 -14.94 -5.29 6.48
N GLU A 66 -14.20 -6.21 5.89
CA GLU A 66 -14.01 -7.52 6.52
C GLU A 66 -13.26 -7.45 7.85
N HIS A 67 -12.53 -6.36 8.05
CA HIS A 67 -11.75 -6.15 9.27
C HIS A 67 -12.38 -5.15 10.23
N CYS A 68 -13.64 -4.73 10.01
CA CYS A 68 -14.29 -3.79 10.90
C CYS A 68 -14.27 -4.35 12.33
N GLY A 69 -13.87 -3.52 13.28
CA GLY A 69 -13.82 -3.94 14.68
C GLY A 69 -12.61 -4.74 15.08
N ARG A 70 -11.64 -4.88 14.18
CA ARG A 70 -10.42 -5.62 14.48
C ARG A 70 -9.26 -4.98 13.71
N THR A 71 -8.12 -5.66 13.66
CA THR A 71 -6.89 -5.12 13.14
C THR A 71 -6.69 -5.57 11.73
N LEU A 72 -6.30 -4.63 10.86
CA LEU A 72 -5.83 -4.97 9.51
C LEU A 72 -4.31 -4.89 9.47
N LYS A 73 -3.70 -5.93 8.90
CA LYS A 73 -2.28 -5.97 8.62
C LYS A 73 -2.01 -5.29 7.30
N VAL A 74 -1.11 -4.31 7.33
CA VAL A 74 -0.74 -3.49 6.19
C VAL A 74 0.72 -3.84 5.88
N ASN A 75 0.95 -4.29 4.65
CA ASN A 75 2.29 -4.65 4.19
C ASN A 75 2.97 -3.46 3.57
N ILE A 76 4.15 -3.11 4.10
CA ILE A 76 4.86 -1.92 3.69
C ILE A 76 6.18 -2.27 3.03
N TRP A 77 6.53 -1.49 2.04
CA TRP A 77 7.87 -1.47 1.42
CA TRP A 77 7.89 -1.49 1.52
C TRP A 77 8.46 -0.10 1.70
N SER A 78 9.58 -0.04 2.39
CA SER A 78 10.27 1.24 2.60
C SER A 78 11.18 1.50 1.40
N ALA A 79 10.93 2.59 0.67
CA ALA A 79 11.61 2.87 -0.61
C ALA A 79 13.11 3.02 -0.47
N LYS A 80 13.55 3.75 0.56
CA LYS A 80 14.96 4.04 0.78
C LYS A 80 15.70 2.87 1.43
N GLY A 81 15.12 2.33 2.50
CA GLY A 81 15.70 1.17 3.18
C GLY A 81 15.67 -0.12 2.38
N GLY A 82 14.73 -0.24 1.45
CA GLY A 82 14.55 -1.44 0.66
C GLY A 82 14.11 -2.65 1.46
N THR A 83 13.32 -2.43 2.51
CA THR A 83 12.91 -3.49 3.42
C THR A 83 11.39 -3.53 3.53
N PHE A 84 10.88 -4.72 3.74
CA PHE A 84 9.45 -4.94 4.04
C PHE A 84 9.21 -4.97 5.54
N ARG A 85 8.08 -4.44 5.98
CA ARG A 85 7.60 -4.67 7.34
C ARG A 85 6.09 -4.66 7.34
N ASP A 86 5.52 -5.07 8.46
CA ASP A 86 4.07 -5.05 8.63
C ASP A 86 3.70 -4.05 9.69
N GLU A 87 2.73 -3.21 9.36
CA GLU A 87 2.08 -2.37 10.37
C GLU A 87 0.67 -2.88 10.59
N TYR A 88 0.05 -2.43 11.68
CA TYR A 88 -1.28 -2.87 12.08
C TYR A 88 -2.12 -1.66 12.36
N ILE A 89 -3.34 -1.65 11.86
CA ILE A 89 -4.22 -0.50 12.09
C ILE A 89 -5.60 -0.98 12.50
N SER A 90 -6.18 -0.32 13.50
CA SER A 90 -7.53 -0.64 13.93
C SER A 90 -8.55 -0.07 12.96
N ILE A 91 -9.42 -0.92 12.46
CA ILE A 91 -10.49 -0.52 11.54
C ILE A 91 -11.77 -0.36 12.33
N ILE A 92 -12.41 0.79 12.25
CA ILE A 92 -13.65 1.00 13.05
C ILE A 92 -14.84 0.32 12.37
#